data_7APF
#
_entry.id   7APF
#
_cell.length_a   63.667
_cell.length_b   62.498
_cell.length_c   67.869
_cell.angle_alpha   90.000
_cell.angle_beta   101.320
_cell.angle_gamma   90.000
#
_symmetry.space_group_name_H-M   'P 1 21 1'
#
loop_
_entity.id
_entity.type
_entity.pdbx_description
1 polymer 'Tyrosine-protein kinase JAK3'
2 non-polymer 3-[3-(propanoylamino)phenyl]-1~{H}-pyrrolo[2,3-b]pyridine-5-carboxamide
3 non-polymer 1-phenylurea
4 non-polymer 1,2-ETHANEDIOL
5 water water
#
_entity_poly.entity_id   1
_entity_poly.type   'polypeptide(L)'
_entity_poly.pdbx_seq_one_letter_code
;SMQDPTIFEERHLKYISQLGKGNFGSVELCRYDPLGDNTGALVAVKQLQHSGPDQQRDFQREIQILKALHSDFIVKYRGV
SYGPGRQSLRLVMEYLPSGCLRDFLQRHRARLDASRLLLYSSQICKGMEYLGSRRCVHRALAARNILVESEAHVKIADFG
LAKLLPLDKDYYVVREPGQSPIFWYAPESLSDNIFSRQSDVWSFGVVLYELFTYCDKSCSPSAEFLRMMGSERDVPALSR
LLELLEEGQRLPAPPACPAEVHELMKLCWAPSPQDRPSFSALGPQLDMLWSGSR
;
_entity_poly.pdbx_strand_id   A,B
#
# COMPACT_ATOMS: atom_id res chain seq x y z
N PRO A 5 31.61 22.44 -14.70
CA PRO A 5 31.09 23.58 -13.91
C PRO A 5 29.97 23.14 -12.95
N THR A 6 30.29 22.99 -11.65
CA THR A 6 29.33 22.45 -10.67
C THR A 6 28.49 23.60 -10.12
N ILE A 7 29.13 24.76 -9.87
CA ILE A 7 28.45 25.99 -9.41
C ILE A 7 28.35 26.95 -10.59
N PHE A 8 27.12 27.33 -10.95
CA PHE A 8 26.89 28.36 -11.98
C PHE A 8 26.74 29.72 -11.31
N GLU A 9 27.67 30.64 -11.58
CA GLU A 9 27.62 32.01 -11.01
C GLU A 9 26.30 32.65 -11.45
N GLU A 10 25.47 33.05 -10.47
CA GLU A 10 24.15 33.71 -10.73
C GLU A 10 24.31 34.85 -11.75
N ARG A 11 25.37 35.65 -11.57
CA ARG A 11 25.67 36.83 -12.41
C ARG A 11 25.70 36.45 -13.90
N HIS A 12 26.00 35.18 -14.23
CA HIS A 12 26.19 34.73 -15.63
C HIS A 12 24.96 33.99 -16.18
N LEU A 13 23.97 33.67 -15.32
CA LEU A 13 22.71 33.08 -15.73
C LEU A 13 21.78 34.20 -16.18
N LYS A 14 21.68 34.38 -17.49
CA LYS A 14 20.86 35.41 -18.10
C LYS A 14 19.44 34.89 -18.27
N TYR A 15 18.50 35.49 -17.53
CA TYR A 15 17.09 35.12 -17.56
C TYR A 15 16.51 35.44 -18.93
N ILE A 16 15.72 34.51 -19.47
CA ILE A 16 15.06 34.71 -20.75
C ILE A 16 13.54 34.70 -20.55
N SER A 17 13.02 33.58 -20.05
CA SER A 17 11.60 33.41 -19.90
C SER A 17 11.31 32.33 -18.85
N GLN A 18 10.04 32.23 -18.48
CA GLN A 18 9.56 31.16 -17.70
C GLN A 18 9.18 30.00 -18.62
N LEU A 19 9.54 28.77 -18.24
CA LEU A 19 9.18 27.57 -18.99
C LEU A 19 7.91 26.92 -18.46
N GLY A 20 7.71 27.00 -17.14
CA GLY A 20 6.59 26.33 -16.56
C GLY A 20 6.58 26.49 -15.06
N LYS A 21 5.45 26.09 -14.47
CA LYS A 21 5.05 26.51 -13.16
C LYS A 21 4.28 25.38 -12.48
N GLY A 22 4.68 25.07 -11.24
CA GLY A 22 3.84 24.41 -10.26
C GLY A 22 3.50 25.36 -9.13
N ASN A 23 2.80 24.85 -8.11
CA ASN A 23 2.37 25.64 -6.96
C ASN A 23 3.59 26.34 -6.32
N PHE A 24 4.62 25.53 -6.03
CA PHE A 24 5.74 25.92 -5.16
C PHE A 24 7.00 26.22 -5.99
N GLY A 25 6.99 25.88 -7.29
CA GLY A 25 8.20 25.89 -8.12
C GLY A 25 7.95 26.40 -9.53
N SER A 26 8.99 27.02 -10.12
CA SER A 26 9.02 27.38 -11.50
C SER A 26 10.31 26.87 -12.13
N VAL A 27 10.24 26.67 -13.45
CA VAL A 27 11.39 26.45 -14.27
C VAL A 27 11.54 27.67 -15.19
N GLU A 28 12.77 28.19 -15.32
CA GLU A 28 13.08 29.38 -16.13
C GLU A 28 14.10 28.96 -17.19
N LEU A 29 13.94 29.53 -18.39
CA LEU A 29 14.90 29.42 -19.41
C LEU A 29 15.91 30.55 -19.22
N CYS A 30 17.17 30.17 -19.14
CA CYS A 30 18.26 31.08 -18.94
C CYS A 30 19.36 30.71 -19.92
N ARG A 31 20.20 31.67 -20.27
CA ARG A 31 21.47 31.39 -20.94
C ARG A 31 22.60 31.49 -19.91
N TYR A 32 23.48 30.48 -19.88
CA TYR A 32 24.66 30.59 -19.07
C TYR A 32 25.74 31.21 -19.94
N ASP A 33 26.11 32.43 -19.59
CA ASP A 33 26.79 33.31 -20.50
C ASP A 33 27.96 33.95 -19.76
N PRO A 34 28.98 33.13 -19.36
CA PRO A 34 30.09 33.66 -18.57
C PRO A 34 31.03 34.60 -19.36
N LEU A 35 31.04 34.51 -20.68
CA LEU A 35 31.77 35.50 -21.51
C LEU A 35 31.02 36.84 -21.51
N GLY A 36 29.72 36.83 -21.20
CA GLY A 36 28.91 38.04 -21.06
C GLY A 36 28.47 38.63 -22.39
N ASP A 37 28.55 37.84 -23.46
CA ASP A 37 28.41 38.29 -24.86
C ASP A 37 27.15 37.69 -25.52
N ASN A 38 26.36 36.96 -24.73
CA ASN A 38 25.07 36.31 -25.15
C ASN A 38 25.30 35.16 -26.16
N THR A 39 26.42 34.44 -26.04
CA THR A 39 26.75 33.26 -26.92
C THR A 39 26.63 31.91 -26.18
N GLY A 40 26.56 31.94 -24.83
CA GLY A 40 26.60 30.71 -24.02
C GLY A 40 25.39 29.81 -24.19
N ALA A 41 25.42 28.65 -23.49
CA ALA A 41 24.41 27.59 -23.62
C ALA A 41 23.14 27.97 -22.85
N LEU A 42 21.99 27.60 -23.43
CA LEU A 42 20.71 27.68 -22.75
C LEU A 42 20.64 26.59 -21.67
N VAL A 43 20.00 26.92 -20.54
CA VAL A 43 19.76 25.95 -19.48
C VAL A 43 18.35 26.16 -18.96
N ALA A 44 17.78 25.09 -18.42
CA ALA A 44 16.58 25.16 -17.64
C ALA A 44 16.99 25.23 -16.17
N VAL A 45 16.37 26.15 -15.44
CA VAL A 45 16.72 26.39 -14.06
C VAL A 45 15.45 26.38 -13.23
N LYS A 46 15.41 25.51 -12.22
CA LYS A 46 14.30 25.38 -11.34
C LYS A 46 14.66 25.98 -9.97
N GLN A 47 13.68 26.65 -9.36
CA GLN A 47 13.79 27.27 -8.06
C GLN A 47 12.40 27.23 -7.42
N LEU A 48 12.35 27.26 -6.09
CA LEU A 48 11.09 27.39 -5.36
C LEU A 48 10.66 28.86 -5.25
N GLN A 49 9.33 29.08 -5.16
CA GLN A 49 8.73 30.28 -4.57
C GLN A 49 7.46 29.86 -3.81
N HIS A 50 7.29 30.45 -2.61
CA HIS A 50 6.01 30.41 -1.83
C HIS A 50 5.80 29.00 -1.24
N SER A 51 6.87 28.50 -0.62
CA SER A 51 7.07 27.11 -0.14
C SER A 51 7.34 27.09 1.38
N GLY A 52 6.91 26.01 2.04
CA GLY A 52 7.10 25.77 3.48
C GLY A 52 8.39 24.99 3.76
N PRO A 53 8.54 24.40 4.98
CA PRO A 53 9.77 23.68 5.32
C PRO A 53 9.90 22.38 4.52
N ASP A 54 8.76 21.70 4.31
CA ASP A 54 8.67 20.40 3.66
C ASP A 54 9.02 20.54 2.18
N GLN A 55 8.59 21.65 1.56
CA GLN A 55 8.83 21.93 0.13
C GLN A 55 10.33 22.19 -0.12
N GLN A 56 11.01 22.84 0.84
CA GLN A 56 12.45 23.13 0.73
C GLN A 56 13.26 21.82 0.89
N ARG A 57 12.86 21.01 1.86
CA ARG A 57 13.45 19.72 2.12
C ARG A 57 13.31 18.85 0.87
N ASP A 58 12.09 18.87 0.31
CA ASP A 58 11.76 18.09 -0.87
C ASP A 58 12.57 18.55 -2.07
N PHE A 59 12.98 19.83 -2.12
CA PHE A 59 13.74 20.34 -3.27
C PHE A 59 15.21 19.91 -3.20
N GLN A 60 15.80 19.95 -2.01
CA GLN A 60 17.20 19.45 -1.84
C GLN A 60 17.25 17.95 -2.22
N ARG A 61 16.19 17.23 -1.92
CA ARG A 61 16.06 15.85 -2.30
C ARG A 61 15.97 15.69 -3.83
N GLU A 62 15.14 16.51 -4.44
CA GLU A 62 14.99 16.50 -5.87
C GLU A 62 16.37 16.68 -6.54
N ILE A 63 17.14 17.65 -6.03
CA ILE A 63 18.43 17.98 -6.57
C ILE A 63 19.36 16.78 -6.47
N GLN A 64 19.40 16.16 -5.30
CA GLN A 64 20.35 15.08 -5.03
CA GLN A 64 20.34 15.07 -5.01
C GLN A 64 20.00 13.90 -5.94
N ILE A 65 18.70 13.64 -6.12
CA ILE A 65 18.27 12.54 -6.98
C ILE A 65 18.71 12.79 -8.42
N LEU A 66 18.40 13.97 -8.96
CA LEU A 66 18.68 14.19 -10.37
C LEU A 66 20.19 14.15 -10.61
N LYS A 67 20.96 14.76 -9.70
CA LYS A 67 22.37 14.88 -9.85
C LYS A 67 23.01 13.48 -9.96
N ALA A 68 22.42 12.48 -9.28
CA ALA A 68 23.01 11.13 -9.24
C ALA A 68 22.65 10.28 -10.46
N LEU A 69 21.70 10.70 -11.30
CA LEU A 69 21.23 9.85 -12.34
C LEU A 69 21.98 10.20 -13.62
N HIS A 70 22.41 9.15 -14.34
CA HIS A 70 23.09 9.35 -15.60
C HIS A 70 22.53 8.38 -16.62
N SER A 71 21.42 8.79 -17.23
CA SER A 71 20.71 8.00 -18.21
C SER A 71 20.49 8.88 -19.44
N ASP A 72 20.52 8.26 -20.61
CA ASP A 72 20.16 8.95 -21.83
C ASP A 72 18.68 9.38 -21.78
N PHE A 73 17.87 8.72 -20.92
CA PHE A 73 16.44 8.91 -20.96
C PHE A 73 15.93 9.64 -19.71
N ILE A 74 16.84 10.31 -19.00
CA ILE A 74 16.51 11.15 -17.87
C ILE A 74 17.17 12.50 -18.03
N VAL A 75 16.36 13.57 -17.90
CA VAL A 75 16.83 14.95 -18.16
C VAL A 75 18.09 15.19 -17.33
N LYS A 76 19.08 15.86 -17.92
CA LYS A 76 20.40 15.90 -17.30
C LYS A 76 20.53 17.07 -16.33
N TYR A 77 21.09 16.76 -15.16
CA TYR A 77 21.52 17.71 -14.20
C TYR A 77 22.79 18.38 -14.71
N ARG A 78 22.91 19.70 -14.54
CA ARG A 78 24.12 20.42 -14.93
CA ARG A 78 24.12 20.42 -14.93
C ARG A 78 24.86 20.95 -13.69
N GLY A 79 24.12 21.49 -12.74
CA GLY A 79 24.76 22.10 -11.57
C GLY A 79 23.74 22.78 -10.70
N VAL A 80 24.23 23.60 -9.79
CA VAL A 80 23.37 24.45 -9.00
C VAL A 80 23.94 25.87 -9.12
N SER A 81 23.06 26.83 -8.84
CA SER A 81 23.38 28.22 -8.72
C SER A 81 22.74 28.72 -7.42
N TYR A 82 23.10 29.92 -7.00
CA TYR A 82 22.53 30.55 -5.83
C TYR A 82 21.31 31.38 -6.22
N GLY A 83 20.32 31.34 -5.33
CA GLY A 83 19.22 32.24 -5.37
C GLY A 83 19.50 33.48 -4.54
N PRO A 84 18.46 34.32 -4.27
CA PRO A 84 18.62 35.61 -3.57
C PRO A 84 19.44 35.46 -2.29
N GLY A 85 20.38 36.40 -2.09
CA GLY A 85 21.22 36.48 -0.89
C GLY A 85 22.13 35.27 -0.69
N ARG A 86 22.22 34.38 -1.70
CA ARG A 86 22.91 33.09 -1.61
C ARG A 86 22.31 32.29 -0.42
N GLN A 87 20.99 32.40 -0.23
CA GLN A 87 20.29 31.74 0.94
C GLN A 87 19.57 30.46 0.47
N SER A 88 19.68 30.16 -0.83
CA SER A 88 18.92 29.08 -1.48
C SER A 88 19.65 28.67 -2.74
N LEU A 89 19.25 27.50 -3.28
CA LEU A 89 19.87 26.96 -4.47
C LEU A 89 18.88 26.96 -5.62
N ARG A 90 19.44 27.03 -6.82
CA ARG A 90 18.67 26.81 -8.01
C ARG A 90 19.28 25.60 -8.68
N LEU A 91 18.42 24.78 -9.30
CA LEU A 91 18.81 23.56 -9.91
C LEU A 91 18.94 23.80 -11.41
N VAL A 92 20.17 23.68 -11.92
CA VAL A 92 20.50 23.99 -13.30
C VAL A 92 20.55 22.66 -14.07
N MET A 93 19.83 22.63 -15.17
CA MET A 93 19.67 21.45 -15.97
C MET A 93 19.78 21.80 -17.45
N GLU A 94 19.93 20.77 -18.29
CA GLU A 94 19.91 20.95 -19.71
C GLU A 94 18.51 21.41 -20.13
N TYR A 95 18.47 22.10 -21.28
CA TYR A 95 17.27 22.63 -21.86
C TYR A 95 16.91 21.82 -23.11
N LEU A 96 15.64 21.39 -23.20
CA LEU A 96 15.13 20.62 -24.32
C LEU A 96 14.10 21.49 -25.03
N PRO A 97 14.41 22.04 -26.21
CA PRO A 97 13.56 23.05 -26.83
C PRO A 97 12.23 22.55 -27.41
N SER A 98 12.02 21.23 -27.50
CA SER A 98 10.81 20.71 -28.09
C SER A 98 9.70 20.51 -27.04
N GLY A 99 10.01 20.76 -25.77
CA GLY A 99 9.01 20.82 -24.74
C GLY A 99 8.51 19.46 -24.29
N CYS A 100 7.31 19.45 -23.70
N CYS A 100 7.31 19.45 -23.70
CA CYS A 100 6.76 18.25 -23.14
CA CYS A 100 6.76 18.25 -23.14
C CYS A 100 6.18 17.35 -24.24
C CYS A 100 6.20 17.36 -24.25
N LEU A 101 6.23 16.04 -24.00
CA LEU A 101 5.76 15.04 -24.92
C LEU A 101 4.27 15.19 -25.20
N ARG A 102 3.49 15.52 -24.17
CA ARG A 102 2.06 15.67 -24.37
C ARG A 102 1.78 16.60 -25.54
N ASP A 103 2.35 17.81 -25.50
CA ASP A 103 2.08 18.85 -26.50
C ASP A 103 2.72 18.54 -27.85
N PHE A 104 3.88 17.88 -27.83
CA PHE A 104 4.56 17.45 -29.02
C PHE A 104 3.69 16.43 -29.77
N LEU A 105 3.10 15.46 -29.07
CA LEU A 105 2.23 14.45 -29.70
C LEU A 105 1.02 15.11 -30.39
N GLN A 106 0.41 16.11 -29.74
CA GLN A 106 -0.78 16.77 -30.32
C GLN A 106 -0.38 17.55 -31.57
N ARG A 107 0.76 18.25 -31.52
CA ARG A 107 1.21 19.10 -32.61
C ARG A 107 1.66 18.26 -33.81
N HIS A 108 2.34 17.14 -33.54
CA HIS A 108 3.05 16.37 -34.59
C HIS A 108 2.32 15.07 -34.95
N ARG A 109 1.08 14.93 -34.48
CA ARG A 109 0.32 13.70 -34.60
C ARG A 109 0.46 13.12 -36.01
N ALA A 110 0.28 13.99 -37.00
CA ALA A 110 0.05 13.62 -38.40
C ALA A 110 1.26 12.84 -38.96
N ARG A 111 2.43 12.96 -38.33
CA ARG A 111 3.64 12.39 -38.87
C ARG A 111 4.36 11.52 -37.83
N LEU A 112 3.67 11.13 -36.76
CA LEU A 112 4.27 10.23 -35.82
C LEU A 112 3.55 8.89 -35.96
N ASP A 113 4.24 7.89 -36.49
CA ASP A 113 3.64 6.56 -36.68
C ASP A 113 3.79 5.73 -35.39
N ALA A 114 3.17 4.55 -35.40
CA ALA A 114 3.18 3.56 -34.32
C ALA A 114 4.61 3.18 -33.93
N SER A 115 5.49 3.08 -34.94
CA SER A 115 6.90 2.76 -34.71
C SER A 115 7.56 3.82 -33.83
N ARG A 116 7.29 5.09 -34.11
CA ARG A 116 7.86 6.21 -33.33
C ARG A 116 7.30 6.19 -31.89
N LEU A 117 6.00 5.93 -31.74
CA LEU A 117 5.36 5.88 -30.40
C LEU A 117 5.98 4.72 -29.62
N LEU A 118 6.27 3.59 -30.31
CA LEU A 118 6.94 2.42 -29.68
C LEU A 118 8.36 2.77 -29.24
N LEU A 119 9.06 3.58 -30.03
CA LEU A 119 10.36 4.06 -29.64
C LEU A 119 10.28 4.89 -28.37
N TYR A 120 9.35 5.84 -28.30
CA TYR A 120 9.22 6.63 -27.12
C TYR A 120 8.91 5.75 -25.93
N SER A 121 8.03 4.75 -26.12
CA SER A 121 7.61 3.80 -25.03
C SER A 121 8.82 3.07 -24.45
N SER A 122 9.70 2.62 -25.36
CA SER A 122 10.89 1.86 -25.06
C SER A 122 11.87 2.75 -24.29
N GLN A 123 12.07 3.98 -24.77
CA GLN A 123 12.95 4.95 -24.12
C GLN A 123 12.46 5.28 -22.70
N ILE A 124 11.18 5.57 -22.55
CA ILE A 124 10.62 5.87 -21.19
C ILE A 124 10.82 4.67 -20.27
N CYS A 125 10.42 3.49 -20.76
CA CYS A 125 10.61 2.22 -20.00
C CYS A 125 12.08 2.09 -19.53
N LYS A 126 13.04 2.37 -20.41
CA LYS A 126 14.46 2.24 -20.08
C LYS A 126 14.86 3.22 -18.96
N GLY A 127 14.34 4.42 -19.04
CA GLY A 127 14.56 5.40 -18.03
C GLY A 127 14.03 4.94 -16.69
N MET A 128 12.84 4.35 -16.72
CA MET A 128 12.17 3.89 -15.51
C MET A 128 12.92 2.67 -14.96
N GLU A 129 13.43 1.82 -15.85
CA GLU A 129 14.26 0.73 -15.42
C GLU A 129 15.46 1.27 -14.64
N TYR A 130 16.09 2.33 -15.19
CA TYR A 130 17.22 2.99 -14.55
C TYR A 130 16.83 3.53 -13.16
N LEU A 131 15.71 4.24 -13.06
CA LEU A 131 15.23 4.72 -11.78
C LEU A 131 15.08 3.59 -10.77
N GLY A 132 14.43 2.52 -11.19
CA GLY A 132 14.12 1.35 -10.40
C GLY A 132 15.35 0.68 -9.78
N SER A 133 16.43 0.63 -10.56
CA SER A 133 17.69 0.14 -10.09
C SER A 133 18.30 1.08 -9.01
N ARG A 134 17.84 2.34 -8.94
CA ARG A 134 18.37 3.24 -7.94
C ARG A 134 17.34 3.40 -6.81
N ARG A 135 16.34 2.49 -6.79
CA ARG A 135 15.27 2.47 -5.77
C ARG A 135 14.52 3.80 -5.74
N CYS A 136 14.37 4.40 -6.91
CA CYS A 136 13.71 5.71 -7.05
C CYS A 136 12.28 5.52 -7.59
N VAL A 137 11.28 6.02 -6.84
CA VAL A 137 9.91 6.11 -7.31
C VAL A 137 9.73 7.50 -7.89
N HIS A 138 9.28 7.54 -9.15
CA HIS A 138 9.09 8.83 -9.83
C HIS A 138 7.80 9.54 -9.38
N ARG A 139 6.71 8.75 -9.31
CA ARG A 139 5.37 9.14 -8.91
C ARG A 139 4.64 9.95 -10.01
N ALA A 140 5.24 10.98 -10.58
CA ALA A 140 4.55 11.97 -11.39
C ALA A 140 4.54 11.62 -12.89
N LEU A 141 5.17 10.53 -13.29
CA LEU A 141 5.24 10.09 -14.69
C LEU A 141 3.89 10.29 -15.43
N ALA A 142 3.95 11.06 -16.51
CA ALA A 142 2.86 11.40 -17.35
C ALA A 142 3.46 12.06 -18.61
N ALA A 143 2.70 12.02 -19.71
CA ALA A 143 3.17 12.67 -20.98
C ALA A 143 3.49 14.14 -20.73
N ARG A 144 2.88 14.75 -19.75
CA ARG A 144 3.04 16.19 -19.57
C ARG A 144 4.39 16.51 -18.92
N ASN A 145 5.05 15.53 -18.32
CA ASN A 145 6.35 15.81 -17.76
C ASN A 145 7.44 14.94 -18.37
N ILE A 146 7.17 14.30 -19.48
CA ILE A 146 8.23 13.76 -20.27
C ILE A 146 8.60 14.83 -21.30
N LEU A 147 9.91 14.94 -21.58
CA LEU A 147 10.41 16.01 -22.48
C LEU A 147 10.94 15.41 -23.77
N VAL A 148 10.87 16.21 -24.85
CA VAL A 148 11.33 15.77 -26.16
C VAL A 148 12.68 16.45 -26.39
N GLU A 149 13.74 15.65 -26.51
CA GLU A 149 15.10 16.14 -26.85
C GLU A 149 15.25 16.32 -28.35
N SER A 150 14.81 15.29 -29.08
CA SER A 150 14.70 15.32 -30.52
C SER A 150 13.50 14.47 -30.93
N GLU A 151 13.14 14.52 -32.22
CA GLU A 151 11.98 13.79 -32.73
C GLU A 151 12.07 12.29 -32.40
N ALA A 152 13.28 11.73 -32.25
CA ALA A 152 13.49 10.30 -31.92
C ALA A 152 14.12 10.09 -30.53
N HIS A 153 13.89 11.00 -29.61
CA HIS A 153 14.56 10.90 -28.30
C HIS A 153 13.80 11.67 -27.20
N VAL A 154 13.32 10.95 -26.19
CA VAL A 154 12.58 11.59 -25.09
C VAL A 154 13.34 11.34 -23.79
N LYS A 155 13.03 12.14 -22.78
CA LYS A 155 13.62 12.05 -21.49
C LYS A 155 12.56 12.32 -20.40
N ILE A 156 12.64 11.55 -19.33
CA ILE A 156 11.84 11.69 -18.16
C ILE A 156 12.36 12.92 -17.41
N ALA A 157 11.44 13.81 -17.06
CA ALA A 157 11.72 14.95 -16.25
C ALA A 157 10.79 14.98 -15.04
N ASP A 158 10.75 16.15 -14.40
CA ASP A 158 9.94 16.52 -13.26
C ASP A 158 10.09 15.53 -12.10
N PHE A 159 11.15 15.72 -11.33
CA PHE A 159 11.46 14.83 -10.20
C PHE A 159 11.00 15.46 -8.89
N GLY A 160 10.04 16.35 -8.98
CA GLY A 160 9.48 17.07 -7.81
C GLY A 160 8.91 16.13 -6.75
N LEU A 161 8.34 15.00 -7.18
CA LEU A 161 7.65 14.10 -6.23
C LEU A 161 8.44 12.81 -6.02
N ALA A 162 9.57 12.69 -6.71
CA ALA A 162 10.37 11.50 -6.63
C ALA A 162 10.89 11.29 -5.20
N LYS A 163 11.00 10.02 -4.85
CA LYS A 163 11.44 9.59 -3.57
C LYS A 163 12.24 8.29 -3.68
N LEU A 164 13.24 8.15 -2.82
CA LEU A 164 14.02 6.97 -2.73
C LEU A 164 13.40 6.03 -1.69
N LEU A 165 13.28 4.76 -2.10
CA LEU A 165 12.84 3.71 -1.15
C LEU A 165 14.00 3.46 -0.17
N PRO A 166 13.73 3.27 1.12
CA PRO A 166 14.76 2.80 2.05
C PRO A 166 15.31 1.45 1.54
N LEU A 167 16.49 1.08 2.01
CA LEU A 167 17.11 -0.18 1.61
C LEU A 167 16.18 -1.35 1.96
N ASP A 168 15.44 -1.22 3.04
CA ASP A 168 14.79 -2.39 3.67
C ASP A 168 13.29 -2.46 3.34
N LYS A 169 12.80 -1.59 2.45
CA LYS A 169 11.37 -1.53 2.18
C LYS A 169 11.12 -1.12 0.72
N ASP A 170 10.12 -1.72 0.06
CA ASP A 170 9.90 -1.61 -1.35
C ASP A 170 8.73 -0.66 -1.66
N TYR A 171 8.29 0.11 -0.67
CA TYR A 171 7.22 1.10 -0.89
C TYR A 171 7.38 2.23 0.14
N TYR A 172 6.64 3.31 -0.03
CA TYR A 172 6.49 4.24 1.04
C TYR A 172 5.03 4.69 1.09
N VAL A 173 4.69 5.40 2.16
CA VAL A 173 3.38 5.93 2.40
C VAL A 173 3.55 7.41 2.68
N VAL A 174 2.59 8.21 2.21
CA VAL A 174 2.50 9.64 2.50
C VAL A 174 1.19 9.94 3.25
N ARG A 175 1.15 11.11 3.90
CA ARG A 175 -0.09 11.76 4.31
C ARG A 175 -0.88 12.12 3.05
N GLU A 176 -2.21 11.97 3.15
CA GLU A 176 -3.17 12.21 2.05
C GLU A 176 -2.73 13.45 1.28
N PRO A 177 -2.32 13.34 -0.01
CA PRO A 177 -2.12 14.52 -0.84
C PRO A 177 -3.44 15.29 -0.94
N GLY A 178 -3.36 16.62 -0.81
CA GLY A 178 -4.51 17.50 -0.96
C GLY A 178 -5.10 17.43 -2.36
N GLN A 179 -4.21 17.51 -3.36
CA GLN A 179 -4.56 17.46 -4.77
C GLN A 179 -3.49 16.64 -5.51
N SER A 180 -3.94 15.64 -6.29
CA SER A 180 -3.09 14.83 -7.18
C SER A 180 -3.85 14.47 -8.48
N PRO A 181 -3.13 14.13 -9.57
CA PRO A 181 -3.75 13.83 -10.85
C PRO A 181 -4.25 12.38 -10.87
N ILE A 182 -5.52 12.21 -10.52
CA ILE A 182 -5.95 10.95 -9.96
C ILE A 182 -5.93 9.87 -11.06
N PHE A 183 -6.02 10.27 -12.33
CA PHE A 183 -6.24 9.32 -13.42
C PHE A 183 -4.92 8.62 -13.80
N TRP A 184 -3.80 9.01 -13.20
CA TRP A 184 -2.51 8.32 -13.42
C TRP A 184 -2.15 7.42 -12.26
N TYR A 185 -2.87 7.53 -11.13
CA TYR A 185 -2.39 6.89 -9.91
C TYR A 185 -2.94 5.45 -9.83
N ALA A 186 -2.10 4.56 -9.31
CA ALA A 186 -2.53 3.21 -8.99
C ALA A 186 -3.56 3.24 -7.85
N PRO A 187 -4.42 2.21 -7.75
CA PRO A 187 -5.53 2.17 -6.78
C PRO A 187 -5.04 2.24 -5.33
N GLU A 188 -3.92 1.57 -5.04
CA GLU A 188 -3.34 1.53 -3.69
C GLU A 188 -2.77 2.88 -3.29
N SER A 189 -2.43 3.71 -4.28
CA SER A 189 -1.95 5.05 -4.04
C SER A 189 -3.16 5.95 -3.71
N LEU A 190 -4.23 5.83 -4.50
CA LEU A 190 -5.47 6.62 -4.33
C LEU A 190 -6.14 6.27 -2.97
N SER A 191 -6.14 4.99 -2.61
CA SER A 191 -6.93 4.50 -1.44
C SER A 191 -6.11 4.48 -0.14
N ASP A 192 -4.81 4.21 -0.22
CA ASP A 192 -3.95 4.01 1.00
C ASP A 192 -2.66 4.88 0.94
N ASN A 193 -2.52 5.72 -0.09
CA ASN A 193 -1.36 6.61 -0.22
C ASN A 193 -0.05 5.78 -0.26
N ILE A 194 -0.12 4.57 -0.83
CA ILE A 194 1.06 3.68 -1.01
C ILE A 194 1.67 3.94 -2.41
N PHE A 195 2.98 4.14 -2.46
CA PHE A 195 3.74 4.37 -3.73
C PHE A 195 4.95 3.46 -3.73
N SER A 196 5.29 2.97 -4.94
CA SER A 196 6.24 1.98 -5.12
C SER A 196 6.72 2.06 -6.58
N ARG A 197 7.69 1.22 -6.91
CA ARG A 197 8.05 1.06 -8.29
C ARG A 197 6.90 0.44 -9.08
N GLN A 198 6.02 -0.33 -8.42
CA GLN A 198 4.95 -1.02 -9.11
C GLN A 198 3.78 -0.06 -9.33
N SER A 199 3.65 0.98 -8.51
CA SER A 199 2.70 2.03 -8.74
C SER A 199 3.19 2.92 -9.89
N ASP A 200 4.52 3.03 -10.06
CA ASP A 200 5.09 3.68 -11.27
C ASP A 200 4.70 2.88 -12.52
N VAL A 201 4.66 1.53 -12.44
CA VAL A 201 4.30 0.72 -13.62
C VAL A 201 2.86 1.04 -14.02
N TRP A 202 1.97 1.14 -13.04
CA TRP A 202 0.59 1.54 -13.32
C TRP A 202 0.56 2.87 -14.12
N SER A 203 1.26 3.90 -13.63
CA SER A 203 1.26 5.17 -14.27
C SER A 203 1.84 5.10 -15.70
N PHE A 204 2.85 4.24 -15.88
CA PHE A 204 3.46 3.96 -17.19
C PHE A 204 2.46 3.36 -18.17
N GLY A 205 1.57 2.48 -17.69
CA GLY A 205 0.51 2.02 -18.56
C GLY A 205 -0.41 3.18 -19.02
N VAL A 206 -0.66 4.14 -18.15
CA VAL A 206 -1.41 5.32 -18.53
C VAL A 206 -0.59 6.20 -19.50
N VAL A 207 0.73 6.23 -19.34
CA VAL A 207 1.60 6.90 -20.32
C VAL A 207 1.47 6.22 -21.70
N LEU A 208 1.52 4.88 -21.75
CA LEU A 208 1.29 4.15 -23.04
C LEU A 208 -0.06 4.55 -23.67
N TYR A 209 -1.10 4.72 -22.84
CA TYR A 209 -2.40 5.14 -23.33
C TYR A 209 -2.30 6.58 -23.90
N GLU A 210 -1.62 7.46 -23.18
CA GLU A 210 -1.38 8.81 -23.65
C GLU A 210 -0.69 8.78 -25.02
N LEU A 211 0.40 8.02 -25.13
CA LEU A 211 1.15 7.94 -26.36
C LEU A 211 0.27 7.50 -27.53
N PHE A 212 -0.48 6.40 -27.36
CA PHE A 212 -1.17 5.79 -28.47
C PHE A 212 -2.54 6.47 -28.74
N THR A 213 -2.93 7.47 -27.93
CA THR A 213 -4.03 8.37 -28.29
C THR A 213 -3.50 9.70 -28.76
N TYR A 214 -2.18 9.85 -28.88
CA TYR A 214 -1.56 11.12 -29.23
C TYR A 214 -2.01 12.22 -28.25
N CYS A 215 -2.35 11.83 -27.01
CA CYS A 215 -2.87 12.79 -26.01
C CYS A 215 -4.04 13.62 -26.58
N ASP A 216 -4.84 13.02 -27.45
CA ASP A 216 -6.06 13.63 -27.97
C ASP A 216 -6.99 13.92 -26.80
N LYS A 217 -7.48 15.15 -26.69
CA LYS A 217 -8.25 15.60 -25.51
C LYS A 217 -9.62 14.91 -25.45
N SER A 218 -10.11 14.43 -26.59
CA SER A 218 -11.40 13.78 -26.74
C SER A 218 -11.42 12.39 -26.07
N CYS A 219 -10.26 11.74 -25.94
CA CYS A 219 -10.24 10.46 -25.27
C CYS A 219 -9.14 10.45 -24.21
N SER A 220 -8.92 11.63 -23.61
CA SER A 220 -8.06 11.77 -22.45
C SER A 220 -8.55 10.82 -21.34
N PRO A 221 -7.69 10.45 -20.36
CA PRO A 221 -8.17 9.72 -19.18
C PRO A 221 -9.35 10.40 -18.46
N SER A 222 -9.31 11.72 -18.26
CA SER A 222 -10.47 12.48 -17.70
C SER A 222 -11.72 12.33 -18.60
N ALA A 223 -11.57 12.47 -19.91
CA ALA A 223 -12.71 12.41 -20.82
C ALA A 223 -13.32 11.01 -20.79
N GLU A 224 -12.44 10.00 -20.74
CA GLU A 224 -12.89 8.61 -20.65
C GLU A 224 -13.63 8.32 -19.33
N PHE A 225 -13.13 8.86 -18.24
CA PHE A 225 -13.78 8.72 -16.97
C PHE A 225 -15.21 9.26 -17.05
N LEU A 226 -15.37 10.46 -17.61
CA LEU A 226 -16.69 11.16 -17.63
C LEU A 226 -17.70 10.37 -18.46
N ARG A 227 -17.21 9.80 -19.57
CA ARG A 227 -17.92 8.81 -20.40
C ARG A 227 -18.26 7.55 -19.59
N MET A 228 -17.37 7.10 -18.73
CA MET A 228 -17.47 5.78 -18.08
C MET A 228 -18.24 5.86 -16.74
N MET A 229 -18.30 7.04 -16.15
CA MET A 229 -18.53 7.14 -14.71
C MET A 229 -19.99 6.78 -14.41
N GLY A 230 -20.84 6.90 -15.43
CA GLY A 230 -22.20 6.45 -15.38
C GLY A 230 -23.16 7.60 -15.24
N SER A 231 -24.44 7.25 -15.10
CA SER A 231 -25.58 8.16 -15.12
C SER A 231 -25.56 9.14 -13.94
N GLU A 232 -25.05 8.68 -12.77
CA GLU A 232 -24.96 9.49 -11.56
C GLU A 232 -23.74 10.42 -11.64
N ARG A 233 -24.00 11.71 -11.68
CA ARG A 233 -23.04 12.75 -12.05
C ARG A 233 -22.53 13.57 -10.84
N ASP A 234 -23.22 13.49 -9.69
CA ASP A 234 -22.85 14.22 -8.46
C ASP A 234 -21.97 13.33 -7.56
N VAL A 235 -21.36 12.28 -8.12
CA VAL A 235 -20.51 11.37 -7.38
C VAL A 235 -19.07 11.87 -7.46
N PRO A 236 -18.38 12.09 -6.32
CA PRO A 236 -17.00 12.56 -6.34
C PRO A 236 -16.16 11.62 -7.25
N ALA A 237 -15.34 12.25 -8.10
CA ALA A 237 -14.56 11.55 -9.12
C ALA A 237 -13.70 10.45 -8.50
N LEU A 238 -12.96 10.79 -7.44
CA LEU A 238 -12.02 9.86 -6.90
C LEU A 238 -12.78 8.64 -6.37
N SER A 239 -13.91 8.86 -5.68
CA SER A 239 -14.75 7.82 -5.14
C SER A 239 -15.20 6.88 -6.27
N ARG A 240 -15.75 7.49 -7.33
CA ARG A 240 -16.27 6.74 -8.46
C ARG A 240 -15.13 5.99 -9.17
N LEU A 241 -13.99 6.67 -9.38
CA LEU A 241 -12.83 6.05 -10.08
C LEU A 241 -12.39 4.78 -9.36
N LEU A 242 -12.32 4.84 -8.03
CA LEU A 242 -11.85 3.71 -7.26
C LEU A 242 -12.82 2.55 -7.43
N GLU A 243 -14.13 2.83 -7.45
CA GLU A 243 -15.17 1.79 -7.65
C GLU A 243 -15.02 1.16 -9.05
N LEU A 244 -14.90 2.00 -10.07
CA LEU A 244 -14.68 1.53 -11.45
C LEU A 244 -13.48 0.61 -11.50
N LEU A 245 -12.39 1.00 -10.87
CA LEU A 245 -11.17 0.26 -10.99
C LEU A 245 -11.32 -1.08 -10.27
N GLU A 246 -11.93 -1.01 -9.07
CA GLU A 246 -12.22 -2.22 -8.28
C GLU A 246 -13.01 -3.24 -9.13
N GLU A 247 -14.03 -2.77 -9.85
CA GLU A 247 -14.89 -3.62 -10.72
C GLU A 247 -14.12 -4.18 -11.95
N GLY A 248 -12.89 -3.73 -12.21
CA GLY A 248 -12.06 -4.22 -13.33
C GLY A 248 -12.14 -3.32 -14.56
N GLN A 249 -12.86 -2.23 -14.49
CA GLN A 249 -12.95 -1.31 -15.64
C GLN A 249 -11.60 -0.60 -15.80
N ARG A 250 -11.22 -0.40 -17.06
CA ARG A 250 -9.94 0.17 -17.46
C ARG A 250 -10.16 1.06 -18.67
N LEU A 251 -9.18 1.91 -18.93
CA LEU A 251 -9.20 2.75 -20.09
C LEU A 251 -9.36 1.84 -21.32
N PRO A 252 -10.06 2.26 -22.38
CA PRO A 252 -10.32 1.37 -23.52
C PRO A 252 -9.12 1.39 -24.49
N ALA A 253 -9.00 0.35 -25.31
CA ALA A 253 -7.90 0.25 -26.29
C ALA A 253 -8.07 1.35 -27.34
N PRO A 254 -7.12 2.27 -27.51
CA PRO A 254 -7.22 3.25 -28.59
C PRO A 254 -7.38 2.61 -29.97
N PRO A 255 -8.04 3.31 -30.90
CA PRO A 255 -8.48 2.67 -32.15
C PRO A 255 -7.29 2.13 -32.94
N ALA A 256 -6.19 2.91 -32.91
CA ALA A 256 -5.03 2.73 -33.73
C ALA A 256 -3.95 1.96 -32.99
N CYS A 257 -4.19 1.57 -31.73
CA CYS A 257 -3.14 1.08 -30.87
C CYS A 257 -2.90 -0.40 -31.19
N PRO A 258 -1.64 -0.84 -31.41
CA PRO A 258 -1.35 -2.26 -31.62
C PRO A 258 -1.90 -3.10 -30.45
N ALA A 259 -2.44 -4.28 -30.75
CA ALA A 259 -3.12 -5.08 -29.74
C ALA A 259 -2.14 -5.47 -28.62
N GLU A 260 -0.89 -5.75 -28.97
CA GLU A 260 0.12 -6.18 -28.01
C GLU A 260 0.41 -5.07 -27.00
N VAL A 261 0.35 -3.80 -27.44
CA VAL A 261 0.61 -2.67 -26.58
C VAL A 261 -0.57 -2.51 -25.60
N HIS A 262 -1.79 -2.73 -26.09
CA HIS A 262 -2.96 -2.69 -25.21
C HIS A 262 -2.84 -3.76 -24.12
N GLU A 263 -2.36 -4.93 -24.51
CA GLU A 263 -2.21 -6.02 -23.62
C GLU A 263 -1.18 -5.62 -22.56
N LEU A 264 -0.10 -4.96 -22.97
CA LEU A 264 0.86 -4.49 -21.98
C LEU A 264 0.20 -3.52 -20.98
N MET A 265 -0.62 -2.60 -21.49
CA MET A 265 -1.35 -1.66 -20.66
C MET A 265 -2.11 -2.41 -19.59
N LYS A 266 -2.88 -3.42 -20.00
CA LYS A 266 -3.77 -4.13 -19.06
C LYS A 266 -2.92 -4.82 -17.97
N LEU A 267 -1.74 -5.31 -18.34
CA LEU A 267 -0.80 -5.94 -17.38
C LEU A 267 -0.26 -4.89 -16.39
N CYS A 268 0.03 -3.69 -16.89
CA CYS A 268 0.48 -2.62 -16.07
C CYS A 268 -0.61 -2.27 -15.03
N TRP A 269 -1.88 -2.47 -15.40
CA TRP A 269 -2.98 -2.03 -14.57
C TRP A 269 -3.57 -3.20 -13.78
N ALA A 270 -2.77 -4.23 -13.54
CA ALA A 270 -3.15 -5.32 -12.66
C ALA A 270 -3.55 -4.75 -11.30
N PRO A 271 -4.65 -5.27 -10.68
CA PRO A 271 -5.10 -4.79 -9.41
C PRO A 271 -3.99 -4.91 -8.34
N SER A 272 -3.29 -6.06 -8.30
CA SER A 272 -2.31 -6.25 -7.26
C SER A 272 -0.96 -5.76 -7.74
N PRO A 273 -0.25 -4.87 -7.00
CA PRO A 273 1.05 -4.38 -7.42
C PRO A 273 2.00 -5.50 -7.85
N GLN A 274 1.99 -6.62 -7.08
CA GLN A 274 2.99 -7.72 -7.29
C GLN A 274 2.68 -8.50 -8.56
N ASP A 275 1.47 -8.28 -9.11
CA ASP A 275 1.05 -8.92 -10.33
C ASP A 275 1.40 -8.09 -11.56
N ARG A 276 1.81 -6.83 -11.36
CA ARG A 276 2.19 -6.01 -12.48
C ARG A 276 3.59 -6.40 -12.95
N PRO A 277 3.89 -6.34 -14.26
CA PRO A 277 5.24 -6.64 -14.73
C PRO A 277 6.19 -5.52 -14.25
N SER A 278 7.42 -5.83 -13.94
CA SER A 278 8.42 -4.80 -13.64
C SER A 278 8.74 -4.05 -14.93
N PHE A 279 9.44 -2.91 -14.83
CA PHE A 279 9.96 -2.25 -15.99
C PHE A 279 10.96 -3.16 -16.73
N SER A 280 11.72 -3.97 -16.00
CA SER A 280 12.72 -4.86 -16.63
C SER A 280 12.01 -5.95 -17.45
N ALA A 281 10.80 -6.37 -17.06
CA ALA A 281 9.99 -7.31 -17.84
C ALA A 281 9.33 -6.59 -19.01
N LEU A 282 8.94 -5.30 -18.84
CA LEU A 282 8.24 -4.60 -19.93
C LEU A 282 9.21 -4.28 -21.06
N GLY A 283 10.44 -3.88 -20.68
CA GLY A 283 11.40 -3.28 -21.63
C GLY A 283 11.64 -4.18 -22.83
N PRO A 284 11.99 -5.47 -22.64
CA PRO A 284 12.24 -6.39 -23.76
C PRO A 284 11.01 -6.58 -24.68
N GLN A 285 9.81 -6.64 -24.10
CA GLN A 285 8.53 -6.73 -24.85
C GLN A 285 8.34 -5.50 -25.76
N LEU A 286 8.61 -4.29 -25.23
CA LEU A 286 8.45 -3.08 -26.02
C LEU A 286 9.56 -3.03 -27.08
N ASP A 287 10.79 -3.37 -26.69
CA ASP A 287 11.95 -3.37 -27.56
C ASP A 287 11.64 -4.29 -28.76
N MET A 288 11.18 -5.51 -28.46
CA MET A 288 10.76 -6.48 -29.48
C MET A 288 9.71 -5.84 -30.41
N LEU A 289 8.70 -5.14 -29.85
CA LEU A 289 7.66 -4.58 -30.70
C LEU A 289 8.24 -3.44 -31.55
N TRP A 290 9.10 -2.61 -30.92
CA TRP A 290 9.70 -1.51 -31.68
C TRP A 290 10.52 -2.08 -32.83
N SER A 291 11.42 -3.03 -32.52
CA SER A 291 12.27 -3.71 -33.55
C SER A 291 11.42 -4.17 -34.72
N GLY A 292 10.29 -4.83 -34.40
CA GLY A 292 9.32 -5.33 -35.37
C GLY A 292 8.88 -4.26 -36.37
N SER A 293 8.80 -3.00 -35.90
CA SER A 293 8.09 -1.93 -36.57
C SER A 293 8.98 -1.11 -37.52
N ARG A 294 10.31 -1.12 -37.33
CA ARG A 294 11.24 -0.26 -38.14
C ARG A 294 11.72 -1.01 -39.39
N PRO B 5 18.09 1.76 19.55
CA PRO B 5 16.96 1.57 18.61
C PRO B 5 15.70 0.94 19.24
N THR B 6 15.79 0.55 20.53
CA THR B 6 14.67 -0.04 21.25
C THR B 6 13.85 1.09 21.92
N ILE B 7 14.51 2.22 22.27
CA ILE B 7 13.84 3.35 22.95
C ILE B 7 13.61 4.47 21.93
N PHE B 8 12.32 4.80 21.70
CA PHE B 8 11.90 5.90 20.83
C PHE B 8 11.58 7.11 21.72
N GLU B 9 12.20 8.26 21.43
CA GLU B 9 11.96 9.48 22.16
C GLU B 9 10.55 9.98 21.81
N GLU B 10 9.72 10.19 22.84
CA GLU B 10 8.31 10.62 22.70
C GLU B 10 8.20 11.84 21.77
N ARG B 11 9.05 12.85 22.04
CA ARG B 11 9.00 14.13 21.30
C ARG B 11 9.21 13.92 19.77
N HIS B 12 9.70 12.76 19.34
CA HIS B 12 10.02 12.49 17.91
C HIS B 12 8.94 11.60 17.21
N LEU B 13 7.98 11.08 17.99
CA LEU B 13 6.81 10.38 17.45
C LEU B 13 5.76 11.42 17.06
N LYS B 14 5.66 11.68 15.76
CA LYS B 14 4.75 12.64 15.21
C LYS B 14 3.43 11.94 14.90
N TYR B 15 2.37 12.28 15.65
CA TYR B 15 1.04 11.71 15.48
C TYR B 15 0.47 12.08 14.11
N ILE B 16 -0.14 11.10 13.46
CA ILE B 16 -0.75 11.29 12.18
C ILE B 16 -2.25 10.99 12.30
N SER B 17 -2.62 9.76 12.69
CA SER B 17 -4.04 9.41 12.75
C SER B 17 -4.27 8.26 13.71
N GLN B 18 -5.54 8.04 14.03
CA GLN B 18 -5.92 6.91 14.83
C GLN B 18 -6.24 5.75 13.89
N LEU B 19 -5.69 4.57 14.18
CA LEU B 19 -5.90 3.37 13.36
C LEU B 19 -7.05 2.53 13.95
N GLY B 20 -7.10 2.46 15.27
CA GLY B 20 -8.14 1.77 15.97
C GLY B 20 -8.15 2.17 17.42
N LYS B 21 -9.30 1.95 18.05
CA LYS B 21 -9.54 2.23 19.45
C LYS B 21 -10.40 1.13 20.07
N GLY B 22 -9.98 0.66 21.25
CA GLY B 22 -10.80 -0.13 22.14
C GLY B 22 -11.10 0.62 23.42
N ASN B 23 -11.71 -0.10 24.37
CA ASN B 23 -12.13 0.45 25.65
C ASN B 23 -10.93 1.08 26.36
N PHE B 24 -9.81 0.33 26.42
CA PHE B 24 -8.69 0.61 27.30
C PHE B 24 -7.49 1.18 26.49
N GLY B 25 -7.56 1.21 25.17
CA GLY B 25 -6.39 1.57 24.37
C GLY B 25 -6.74 2.02 22.96
N SER B 26 -5.71 2.54 22.29
CA SER B 26 -5.76 2.93 20.90
C SER B 26 -4.40 2.62 20.25
N VAL B 27 -4.44 2.42 18.94
CA VAL B 27 -3.28 2.30 18.08
C VAL B 27 -3.34 3.50 17.14
N GLU B 28 -2.23 4.23 17.08
CA GLU B 28 -2.13 5.48 16.33
C GLU B 28 -1.02 5.31 15.29
N LEU B 29 -1.25 5.89 14.12
CA LEU B 29 -0.23 5.98 13.09
C LEU B 29 0.60 7.21 13.42
N CYS B 30 1.91 7.03 13.55
CA CYS B 30 2.84 8.11 13.85
C CYS B 30 4.00 8.01 12.85
N ARG B 31 4.67 9.14 12.62
CA ARG B 31 6.02 9.08 11.99
C ARG B 31 7.04 9.22 13.10
N TYR B 32 8.07 8.36 13.09
CA TYR B 32 9.18 8.55 13.98
C TYR B 32 10.17 9.42 13.20
N ASP B 33 10.29 10.66 13.63
CA ASP B 33 10.87 11.69 12.80
C ASP B 33 11.89 12.47 13.61
N PRO B 34 12.99 11.82 14.08
CA PRO B 34 13.96 12.47 14.97
C PRO B 34 14.75 13.61 14.31
N LEU B 35 14.90 13.57 12.96
CA LEU B 35 15.51 14.65 12.19
C LEU B 35 14.58 15.89 12.19
N GLY B 36 13.28 15.67 12.41
CA GLY B 36 12.28 16.73 12.49
C GLY B 36 11.89 17.27 11.12
N ASP B 37 12.20 16.51 10.04
CA ASP B 37 12.09 17.03 8.66
C ASP B 37 10.97 16.30 7.89
N ASN B 38 10.23 15.42 8.61
CA ASN B 38 9.11 14.64 8.07
C ASN B 38 9.55 13.60 7.03
N THR B 39 10.75 13.01 7.20
CA THR B 39 11.27 11.94 6.30
C THR B 39 11.31 10.54 6.98
N GLY B 40 11.15 10.48 8.30
CA GLY B 40 11.39 9.24 9.09
C GLY B 40 10.39 8.12 8.81
N ALA B 41 10.54 7.00 9.55
CA ALA B 41 9.76 5.78 9.37
C ALA B 41 8.35 5.97 9.96
N LEU B 42 7.33 5.51 9.26
CA LEU B 42 5.99 5.41 9.86
C LEU B 42 5.96 4.23 10.83
N VAL B 43 5.22 4.38 11.92
CA VAL B 43 5.12 3.31 12.92
C VAL B 43 3.68 3.30 13.40
N ALA B 44 3.25 2.13 13.88
CA ALA B 44 2.00 2.05 14.63
C ALA B 44 2.36 2.06 16.11
N VAL B 45 1.62 2.84 16.89
CA VAL B 45 1.98 3.06 18.28
C VAL B 45 0.73 2.83 19.12
N LYS B 46 0.85 1.93 20.11
CA LYS B 46 -0.23 1.65 21.01
C LYS B 46 0.05 2.31 22.36
N GLN B 47 -1.03 2.82 22.98
CA GLN B 47 -1.01 3.43 24.31
C GLN B 47 -2.36 3.14 24.95
N LEU B 48 -2.39 3.12 26.29
CA LEU B 48 -3.65 2.94 27.07
C LEU B 48 -4.37 4.29 27.22
N GLN B 49 -5.71 4.24 27.31
CA GLN B 49 -6.49 5.32 27.94
C GLN B 49 -7.54 4.67 28.85
N HIS B 50 -7.88 5.35 29.96
CA HIS B 50 -8.87 4.88 30.97
C HIS B 50 -8.32 3.64 31.72
N SER B 51 -7.02 3.66 32.04
CA SER B 51 -6.32 2.45 32.50
C SER B 51 -6.00 2.53 34.00
N GLY B 52 -6.36 1.46 34.72
CA GLY B 52 -6.02 1.26 36.14
C GLY B 52 -4.67 0.56 36.29
N PRO B 53 -4.30 0.07 37.49
CA PRO B 53 -2.98 -0.54 37.68
C PRO B 53 -2.86 -1.86 36.91
N ASP B 54 -3.94 -2.64 36.88
CA ASP B 54 -3.95 -3.99 36.31
C ASP B 54 -3.87 -3.91 34.79
N GLN B 55 -4.47 -2.86 34.20
CA GLN B 55 -4.40 -2.63 32.74
C GLN B 55 -2.97 -2.28 32.29
N GLN B 56 -2.24 -1.54 33.15
CA GLN B 56 -0.87 -1.13 32.86
C GLN B 56 0.06 -2.35 32.96
N ARG B 57 -0.14 -3.18 33.98
CA ARG B 57 0.58 -4.41 34.16
C ARG B 57 0.34 -5.34 32.97
N ASP B 58 -0.93 -5.46 32.56
CA ASP B 58 -1.32 -6.29 31.40
C ASP B 58 -0.62 -5.77 30.12
N PHE B 59 -0.37 -4.46 30.03
CA PHE B 59 0.23 -3.84 28.81
C PHE B 59 1.75 -4.10 28.74
N GLN B 60 2.44 -4.04 29.89
CA GLN B 60 3.87 -4.34 29.98
C GLN B 60 4.07 -5.80 29.56
N ARG B 61 3.10 -6.66 29.92
CA ARG B 61 3.11 -8.06 29.52
C ARG B 61 2.97 -8.16 27.99
N GLU B 62 2.02 -7.43 27.46
CA GLU B 62 1.80 -7.45 26.01
C GLU B 62 3.11 -7.08 25.29
N ILE B 63 3.80 -6.06 25.82
CA ILE B 63 5.00 -5.57 25.22
C ILE B 63 6.08 -6.65 25.25
N GLN B 64 6.25 -7.31 26.40
CA GLN B 64 7.26 -8.35 26.57
C GLN B 64 6.98 -9.50 25.58
N ILE B 65 5.72 -9.86 25.42
CA ILE B 65 5.35 -10.97 24.54
C ILE B 65 5.69 -10.59 23.10
N LEU B 66 5.25 -9.40 22.64
CA LEU B 66 5.45 -9.06 21.26
C LEU B 66 6.94 -8.95 20.96
N LYS B 67 7.71 -8.38 21.89
CA LYS B 67 9.13 -8.18 21.70
C LYS B 67 9.84 -9.52 21.48
N ALA B 68 9.36 -10.60 22.13
CA ALA B 68 10.01 -11.91 22.05
C ALA B 68 9.64 -12.72 20.81
N LEU B 69 8.60 -12.32 20.04
CA LEU B 69 8.18 -13.10 18.93
C LEU B 69 8.88 -12.60 17.67
N HIS B 70 9.35 -13.54 16.85
CA HIS B 70 9.97 -13.26 15.58
C HIS B 70 9.41 -14.23 14.55
N SER B 71 8.27 -13.87 13.99
CA SER B 71 7.60 -14.65 12.97
C SER B 71 7.26 -13.70 11.83
N ASP B 72 7.34 -14.21 10.61
CA ASP B 72 6.92 -13.43 9.45
C ASP B 72 5.40 -13.18 9.50
N PHE B 73 4.66 -13.94 10.33
CA PHE B 73 3.23 -13.85 10.32
C PHE B 73 2.70 -13.26 11.66
N ILE B 74 3.56 -12.52 12.39
CA ILE B 74 3.19 -11.82 13.59
C ILE B 74 3.79 -10.43 13.53
N VAL B 75 2.94 -9.42 13.70
CA VAL B 75 3.29 -8.03 13.53
C VAL B 75 4.55 -7.75 14.37
N LYS B 76 5.47 -6.97 13.83
CA LYS B 76 6.79 -6.80 14.44
C LYS B 76 6.81 -5.70 15.48
N TYR B 77 7.42 -6.02 16.62
CA TYR B 77 7.75 -5.09 17.64
C TYR B 77 8.90 -4.22 17.16
N ARG B 78 8.86 -2.92 17.45
CA ARG B 78 10.01 -2.03 17.13
C ARG B 78 10.67 -1.51 18.41
N GLY B 79 9.86 -1.13 19.40
CA GLY B 79 10.41 -0.53 20.57
C GLY B 79 9.35 -0.03 21.50
N VAL B 80 9.78 0.77 22.47
CA VAL B 80 8.87 1.43 23.40
C VAL B 80 9.23 2.91 23.43
N SER B 81 8.28 3.69 23.95
CA SER B 81 8.42 5.11 24.20
C SER B 81 7.76 5.44 25.55
N TYR B 82 8.16 6.58 26.14
CA TYR B 82 7.54 7.15 27.34
C TYR B 82 7.11 8.60 27.07
N SER B 88 3.69 8.32 29.57
CA SER B 88 3.23 7.03 30.09
C SER B 88 4.16 5.92 29.58
N LEU B 89 3.64 5.09 28.67
CA LEU B 89 4.32 3.91 28.09
C LEU B 89 3.66 3.64 26.72
N ARG B 90 4.44 3.65 25.63
CA ARG B 90 3.87 3.49 24.31
C ARG B 90 4.61 2.35 23.64
N LEU B 91 3.87 1.47 22.96
CA LEU B 91 4.42 0.33 22.27
C LEU B 91 4.55 0.66 20.77
N VAL B 92 5.77 0.65 20.26
CA VAL B 92 6.04 1.06 18.91
C VAL B 92 6.23 -0.17 18.03
N MET B 93 5.50 -0.19 16.92
CA MET B 93 5.47 -1.37 16.08
C MET B 93 5.55 -0.95 14.62
N GLU B 94 5.74 -1.94 13.77
CA GLU B 94 5.64 -1.71 12.36
C GLU B 94 4.21 -1.33 11.99
N TYR B 95 4.11 -0.64 10.87
CA TYR B 95 2.88 -0.15 10.30
C TYR B 95 2.58 -0.93 9.04
N LEU B 96 1.35 -1.44 8.92
CA LEU B 96 0.92 -2.22 7.73
C LEU B 96 -0.17 -1.38 7.11
N PRO B 97 0.10 -0.73 5.96
CA PRO B 97 -0.83 0.26 5.43
C PRO B 97 -2.14 -0.28 4.89
N SER B 98 -2.26 -1.60 4.68
CA SER B 98 -3.45 -2.11 4.01
C SER B 98 -4.56 -2.45 5.00
N GLY B 99 -4.28 -2.27 6.30
CA GLY B 99 -5.25 -2.34 7.32
C GLY B 99 -5.61 -3.76 7.68
N CYS B 100 -6.80 -3.93 8.26
N CYS B 100 -6.79 -3.93 8.25
CA CYS B 100 -7.21 -5.21 8.78
CA CYS B 100 -7.18 -5.20 8.77
C CYS B 100 -7.75 -6.10 7.65
C CYS B 100 -7.69 -6.10 7.64
N LEU B 101 -7.54 -7.42 7.82
CA LEU B 101 -7.98 -8.39 6.83
C LEU B 101 -9.52 -8.35 6.62
N ARG B 102 -10.28 -8.20 7.70
CA ARG B 102 -11.73 -8.13 7.61
C ARG B 102 -12.17 -7.15 6.51
N ASP B 103 -11.70 -5.90 6.59
CA ASP B 103 -12.13 -4.85 5.64
C ASP B 103 -11.55 -5.09 4.23
N PHE B 104 -10.32 -5.60 4.17
CA PHE B 104 -9.70 -5.91 2.91
C PHE B 104 -10.51 -6.99 2.15
N LEU B 105 -10.97 -8.03 2.85
CA LEU B 105 -11.76 -9.11 2.24
C LEU B 105 -13.07 -8.58 1.66
N GLN B 106 -13.77 -7.71 2.40
CA GLN B 106 -15.06 -7.20 1.95
C GLN B 106 -14.83 -6.35 0.70
N ARG B 107 -13.79 -5.50 0.72
CA ARG B 107 -13.58 -4.54 -0.40
C ARG B 107 -13.14 -5.31 -1.66
N HIS B 108 -12.33 -6.35 -1.50
CA HIS B 108 -11.61 -6.96 -2.64
C HIS B 108 -12.17 -8.34 -3.00
N ARG B 109 -13.33 -8.69 -2.43
CA ARG B 109 -13.88 -10.05 -2.51
CA ARG B 109 -13.82 -10.06 -2.50
C ARG B 109 -13.89 -10.51 -3.97
N ALA B 110 -14.34 -9.63 -4.86
CA ALA B 110 -14.60 -9.95 -6.27
C ALA B 110 -13.32 -10.33 -7.02
N ARG B 111 -12.14 -10.16 -6.45
CA ARG B 111 -10.89 -10.60 -7.12
C ARG B 111 -10.02 -11.47 -6.22
N LEU B 112 -10.55 -11.99 -5.10
CA LEU B 112 -9.76 -12.84 -4.25
C LEU B 112 -10.30 -14.26 -4.38
N ASP B 113 -9.50 -15.16 -4.95
CA ASP B 113 -9.94 -16.51 -5.20
C ASP B 113 -9.67 -17.37 -3.95
N ALA B 114 -10.20 -18.60 -3.99
CA ALA B 114 -10.06 -19.58 -2.87
C ALA B 114 -8.59 -19.80 -2.52
N SER B 115 -7.71 -19.82 -3.54
CA SER B 115 -6.29 -20.04 -3.35
C SER B 115 -5.69 -18.93 -2.48
N ARG B 116 -6.07 -17.67 -2.76
CA ARG B 116 -5.55 -16.55 -1.95
C ARG B 116 -6.07 -16.62 -0.51
N LEU B 117 -7.36 -16.96 -0.32
CA LEU B 117 -7.93 -17.14 1.03
C LEU B 117 -7.17 -18.27 1.76
N LEU B 118 -6.82 -19.34 1.04
CA LEU B 118 -6.04 -20.45 1.60
C LEU B 118 -4.62 -20.01 1.98
N LEU B 119 -3.98 -19.15 1.17
CA LEU B 119 -2.68 -18.61 1.57
C LEU B 119 -2.79 -17.82 2.87
N TYR B 120 -3.83 -16.96 2.98
CA TYR B 120 -3.95 -16.21 4.18
C TYR B 120 -4.14 -17.17 5.38
N SER B 121 -4.93 -18.23 5.18
CA SER B 121 -5.27 -19.23 6.23
C SER B 121 -4.00 -19.93 6.72
N SER B 122 -3.10 -20.27 5.78
CA SER B 122 -1.86 -20.95 6.03
C SER B 122 -0.94 -20.03 6.81
N GLN B 123 -0.87 -18.76 6.42
CA GLN B 123 -0.08 -17.77 7.12
C GLN B 123 -0.55 -17.57 8.56
N ILE B 124 -1.85 -17.43 8.77
CA ILE B 124 -2.40 -17.22 10.15
C ILE B 124 -2.08 -18.46 11.01
N CYS B 125 -2.34 -19.61 10.42
CA CYS B 125 -2.07 -20.87 11.05
C CYS B 125 -0.60 -21.00 11.49
N LYS B 126 0.32 -20.62 10.62
CA LYS B 126 1.77 -20.73 10.91
C LYS B 126 2.11 -19.79 12.09
N GLY B 127 1.56 -18.58 12.06
CA GLY B 127 1.73 -17.65 13.15
C GLY B 127 1.23 -18.22 14.46
N MET B 128 0.08 -18.88 14.41
CA MET B 128 -0.55 -19.43 15.59
C MET B 128 0.23 -20.66 16.07
N GLU B 129 0.75 -21.44 15.12
CA GLU B 129 1.68 -22.53 15.48
C GLU B 129 2.86 -21.97 16.28
N TYR B 130 3.45 -20.88 15.77
CA TYR B 130 4.58 -20.23 16.41
C TYR B 130 4.18 -19.78 17.83
N LEU B 131 3.00 -19.18 18.00
CA LEU B 131 2.56 -18.75 19.30
C LEU B 131 2.48 -19.93 20.26
N GLY B 132 1.85 -21.01 19.82
CA GLY B 132 1.67 -22.25 20.62
C GLY B 132 2.95 -22.85 21.12
N SER B 133 3.98 -22.81 20.28
CA SER B 133 5.34 -23.25 20.65
C SER B 133 5.95 -22.31 21.68
N ARG B 134 5.42 -21.08 21.86
CA ARG B 134 5.93 -20.17 22.87
C ARG B 134 4.99 -20.17 24.07
N ARG B 135 4.04 -21.13 24.11
CA ARG B 135 3.03 -21.27 25.18
C ARG B 135 2.21 -19.97 25.32
N CYS B 136 1.96 -19.33 24.19
CA CYS B 136 1.19 -18.07 24.14
C CYS B 136 -0.24 -18.34 23.63
N VAL B 137 -1.24 -17.93 24.43
CA VAL B 137 -2.63 -17.93 23.99
C VAL B 137 -2.99 -16.52 23.50
N HIS B 138 -3.48 -16.42 22.28
CA HIS B 138 -3.76 -15.10 21.66
C HIS B 138 -5.11 -14.54 22.16
N ARG B 139 -6.13 -15.40 22.21
CA ARG B 139 -7.51 -15.11 22.68
C ARG B 139 -8.34 -14.28 21.67
N ALA B 140 -7.82 -13.18 21.12
CA ALA B 140 -8.63 -12.22 20.38
C ALA B 140 -8.68 -12.49 18.87
N LEU B 141 -8.02 -13.54 18.40
CA LEU B 141 -7.87 -13.87 16.96
C LEU B 141 -9.22 -13.73 16.24
N ALA B 142 -9.23 -12.88 15.20
CA ALA B 142 -10.37 -12.62 14.38
C ALA B 142 -9.87 -11.89 13.13
N ALA B 143 -10.63 -11.95 12.03
CA ALA B 143 -10.26 -11.23 10.78
C ALA B 143 -10.04 -9.74 11.08
N ARG B 144 -10.70 -9.21 12.09
CA ARG B 144 -10.62 -7.78 12.35
C ARG B 144 -9.27 -7.40 13.00
N ASN B 145 -8.52 -8.36 13.49
CA ASN B 145 -7.19 -7.99 14.01
C ASN B 145 -6.07 -8.76 13.32
N ILE B 146 -6.35 -9.40 12.20
CA ILE B 146 -5.30 -9.80 11.36
C ILE B 146 -5.03 -8.62 10.37
N LEU B 147 -3.77 -8.41 10.04
CA LEU B 147 -3.41 -7.21 9.23
C LEU B 147 -2.84 -7.66 7.90
N VAL B 148 -3.05 -6.81 6.88
CA VAL B 148 -2.57 -7.10 5.55
C VAL B 148 -1.27 -6.31 5.33
N GLU B 149 -0.17 -7.03 5.20
CA GLU B 149 1.18 -6.47 4.91
C GLU B 149 1.31 -6.19 3.41
N SER B 150 0.89 -7.19 2.64
CA SER B 150 0.78 -7.11 1.22
C SER B 150 -0.38 -8.01 0.77
N GLU B 151 -0.72 -7.92 -0.53
CA GLU B 151 -1.80 -8.71 -1.10
C GLU B 151 -1.61 -10.23 -0.82
N ALA B 152 -0.36 -10.69 -0.70
CA ALA B 152 -0.04 -12.12 -0.46
C ALA B 152 0.59 -12.37 0.92
N HIS B 153 0.31 -11.52 1.91
CA HIS B 153 1.04 -11.61 3.18
C HIS B 153 0.26 -10.93 4.33
N VAL B 154 -0.19 -11.73 5.31
CA VAL B 154 -0.95 -11.23 6.43
C VAL B 154 -0.18 -11.57 7.69
N LYS B 155 -0.50 -10.83 8.75
CA LYS B 155 0.14 -10.94 10.02
C LYS B 155 -0.91 -10.83 11.15
N ILE B 156 -0.69 -11.61 12.19
CA ILE B 156 -1.50 -11.60 13.36
C ILE B 156 -1.10 -10.38 14.18
N ALA B 157 -2.12 -9.60 14.57
CA ALA B 157 -1.88 -8.46 15.44
C ALA B 157 -2.79 -8.58 16.67
N ASP B 158 -2.91 -7.45 17.37
CA ASP B 158 -3.66 -7.23 18.58
C ASP B 158 -3.38 -8.30 19.64
N PHE B 159 -2.33 -8.07 20.40
CA PHE B 159 -1.92 -8.94 21.49
C PHE B 159 -2.40 -8.40 22.83
N GLY B 160 -3.47 -7.62 22.79
CA GLY B 160 -4.04 -6.95 23.98
C GLY B 160 -4.55 -7.94 25.00
N LEU B 161 -5.00 -9.12 24.58
CA LEU B 161 -5.56 -10.10 25.47
C LEU B 161 -4.65 -11.32 25.62
N ALA B 162 -3.49 -11.30 24.97
CA ALA B 162 -2.64 -12.47 24.91
C ALA B 162 -2.09 -12.77 26.31
N LYS B 163 -1.84 -14.04 26.57
CA LYS B 163 -1.24 -14.49 27.85
C LYS B 163 -0.31 -15.67 27.59
N LEU B 164 0.77 -15.73 28.38
CA LEU B 164 1.65 -16.87 28.37
C LEU B 164 1.15 -17.87 29.43
N LEU B 165 1.00 -19.13 29.00
CA LEU B 165 0.66 -20.24 29.87
C LEU B 165 1.79 -20.51 30.85
N PRO B 166 1.47 -20.73 32.14
CA PRO B 166 2.50 -21.11 33.10
C PRO B 166 3.15 -22.42 32.63
N LEU B 167 4.33 -22.69 33.19
CA LEU B 167 5.08 -23.87 32.83
C LEU B 167 4.24 -25.10 33.15
N ASP B 168 3.42 -25.04 34.21
CA ASP B 168 2.85 -26.23 34.77
C ASP B 168 1.39 -26.44 34.35
N LYS B 169 0.83 -25.59 33.48
CA LYS B 169 -0.60 -25.75 33.14
C LYS B 169 -0.85 -25.33 31.68
N ASP B 170 -1.83 -25.97 31.04
CA ASP B 170 -2.07 -25.75 29.59
C ASP B 170 -3.31 -24.88 29.38
N TYR B 171 -3.77 -24.19 30.42
CA TYR B 171 -4.84 -23.22 30.26
C TYR B 171 -4.69 -22.12 31.30
N TYR B 172 -5.48 -21.06 31.16
CA TYR B 172 -5.61 -20.13 32.24
C TYR B 172 -7.06 -19.72 32.33
N VAL B 173 -7.41 -19.06 33.44
CA VAL B 173 -8.74 -18.58 33.69
C VAL B 173 -8.69 -17.07 33.87
N VAL B 174 -9.72 -16.38 33.39
CA VAL B 174 -9.86 -14.95 33.58
C VAL B 174 -11.05 -14.65 34.51
N ARG B 175 -10.96 -13.51 35.20
CA ARG B 175 -12.13 -12.87 35.80
C ARG B 175 -13.03 -12.37 34.67
N GLU B 176 -14.35 -12.49 34.88
CA GLU B 176 -15.34 -12.23 33.85
C GLU B 176 -15.05 -10.86 33.22
N PRO B 177 -14.74 -10.83 31.90
CA PRO B 177 -14.52 -9.57 31.18
C PRO B 177 -15.79 -8.72 31.19
N GLY B 178 -15.62 -7.39 31.32
CA GLY B 178 -16.70 -6.42 31.14
C GLY B 178 -17.31 -6.47 29.74
N GLN B 179 -16.45 -6.45 28.71
CA GLN B 179 -16.87 -6.40 27.31
C GLN B 179 -15.96 -7.29 26.45
N SER B 180 -16.56 -8.22 25.69
CA SER B 180 -15.86 -9.17 24.83
C SER B 180 -16.67 -9.48 23.57
N PRO B 181 -16.01 -9.90 22.47
CA PRO B 181 -16.68 -10.41 21.25
C PRO B 181 -16.91 -11.93 21.27
N ILE B 182 -18.14 -12.31 21.62
CA ILE B 182 -18.38 -13.62 22.13
C ILE B 182 -18.35 -14.66 21.01
N PHE B 183 -18.61 -14.25 19.77
CA PHE B 183 -18.93 -15.21 18.69
C PHE B 183 -17.68 -15.91 18.14
N TRP B 184 -16.49 -15.56 18.65
CA TRP B 184 -15.25 -16.26 18.29
C TRP B 184 -14.81 -17.23 19.40
N TYR B 185 -15.47 -17.17 20.56
CA TYR B 185 -14.98 -17.85 21.76
C TYR B 185 -15.42 -19.30 21.79
N ALA B 186 -14.53 -20.16 22.26
CA ALA B 186 -14.88 -21.54 22.52
C ALA B 186 -15.88 -21.63 23.68
N PRO B 187 -16.65 -22.74 23.79
CA PRO B 187 -17.74 -22.87 24.79
C PRO B 187 -17.22 -22.84 26.23
N GLU B 188 -16.07 -23.48 26.47
CA GLU B 188 -15.41 -23.51 27.78
C GLU B 188 -14.93 -22.12 28.21
N SER B 189 -14.69 -21.22 27.23
CA SER B 189 -14.29 -19.87 27.50
C SER B 189 -15.53 -19.07 27.93
N LEU B 190 -16.61 -19.24 27.19
CA LEU B 190 -17.90 -18.55 27.43
C LEU B 190 -18.47 -18.97 28.80
N SER B 191 -18.39 -20.25 29.13
CA SER B 191 -19.06 -20.81 30.31
C SER B 191 -18.18 -20.80 31.56
N ASP B 192 -16.86 -21.01 31.40
CA ASP B 192 -15.92 -21.21 32.55
C ASP B 192 -14.69 -20.29 32.45
N ASN B 193 -14.67 -19.38 31.47
CA ASN B 193 -13.62 -18.42 31.34
C ASN B 193 -12.27 -19.13 31.19
N ILE B 194 -12.27 -20.33 30.61
CA ILE B 194 -11.05 -21.09 30.34
C ILE B 194 -10.52 -20.71 28.94
N PHE B 195 -9.24 -20.34 28.87
CA PHE B 195 -8.57 -20.09 27.56
C PHE B 195 -7.31 -20.94 27.49
N SER B 196 -7.04 -21.45 26.28
CA SER B 196 -6.02 -22.36 26.03
C SER B 196 -5.54 -22.21 24.58
N ARG B 197 -4.50 -22.95 24.21
CA ARG B 197 -4.16 -23.02 22.81
C ARG B 197 -5.28 -23.70 22.03
N GLN B 198 -6.04 -24.59 22.67
CA GLN B 198 -7.08 -25.34 22.00
C GLN B 198 -8.34 -24.47 21.81
N SER B 199 -8.55 -23.48 22.69
CA SER B 199 -9.58 -22.47 22.48
C SER B 199 -9.15 -21.53 21.36
N ASP B 200 -7.84 -21.27 21.21
CA ASP B 200 -7.36 -20.49 20.03
C ASP B 200 -7.73 -21.23 18.72
N VAL B 201 -7.62 -22.57 18.71
CA VAL B 201 -7.98 -23.37 17.52
C VAL B 201 -9.47 -23.17 17.17
N TRP B 202 -10.33 -23.16 18.19
CA TRP B 202 -11.77 -22.87 17.98
C TRP B 202 -11.93 -21.50 17.29
N SER B 203 -11.26 -20.47 17.80
CA SER B 203 -11.38 -19.13 17.24
C SER B 203 -10.89 -19.13 15.78
N PHE B 204 -9.81 -19.88 15.52
CA PHE B 204 -9.25 -20.01 14.18
C PHE B 204 -10.25 -20.61 13.20
N GLY B 205 -11.03 -21.59 13.66
CA GLY B 205 -12.12 -22.10 12.82
C GLY B 205 -13.11 -21.02 12.44
N VAL B 206 -13.40 -20.09 13.38
CA VAL B 206 -14.26 -18.94 13.04
C VAL B 206 -13.55 -17.99 12.07
N VAL B 207 -12.22 -17.86 12.19
CA VAL B 207 -11.46 -17.10 11.25
C VAL B 207 -11.59 -17.70 9.83
N LEU B 208 -11.44 -19.02 9.71
CA LEU B 208 -11.66 -19.72 8.41
C LEU B 208 -13.06 -19.41 7.86
N TYR B 209 -14.06 -19.33 8.76
CA TYR B 209 -15.42 -18.98 8.35
C TYR B 209 -15.43 -17.55 7.79
N GLU B 210 -14.76 -16.64 8.48
CA GLU B 210 -14.70 -15.26 8.10
C GLU B 210 -14.03 -15.15 6.73
N LEU B 211 -12.90 -15.83 6.58
CA LEU B 211 -12.16 -15.75 5.30
C LEU B 211 -13.05 -16.22 4.14
N PHE B 212 -13.71 -17.36 4.28
CA PHE B 212 -14.38 -17.97 3.17
C PHE B 212 -15.81 -17.42 2.97
N THR B 213 -16.27 -16.51 3.84
CA THR B 213 -17.45 -15.67 3.59
C THR B 213 -17.04 -14.26 3.17
N TYR B 214 -15.75 -14.03 2.98
CA TYR B 214 -15.23 -12.66 2.64
C TYR B 214 -15.67 -11.65 3.70
N CYS B 215 -15.89 -12.11 4.92
CA CYS B 215 -16.40 -11.27 6.02
C CYS B 215 -17.66 -10.51 5.59
N ASP B 216 -18.51 -11.15 4.78
CA ASP B 216 -19.75 -10.56 4.36
C ASP B 216 -20.64 -10.35 5.60
N LYS B 217 -21.20 -9.15 5.75
CA LYS B 217 -21.91 -8.74 6.99
C LYS B 217 -23.20 -9.55 7.21
N SER B 218 -23.81 -10.03 6.10
CA SER B 218 -25.09 -10.71 6.10
C SER B 218 -24.99 -12.11 6.71
N CYS B 219 -23.79 -12.69 6.74
CA CYS B 219 -23.62 -13.99 7.32
C CYS B 219 -22.43 -13.99 8.30
N SER B 220 -22.14 -12.82 8.88
CA SER B 220 -21.20 -12.67 9.97
C SER B 220 -21.59 -13.62 11.11
N PRO B 221 -20.66 -13.97 12.02
CA PRO B 221 -21.02 -14.66 13.26
C PRO B 221 -22.17 -14.02 14.03
N SER B 222 -22.14 -12.68 14.23
CA SER B 222 -23.29 -11.98 14.88
C SER B 222 -24.59 -12.19 14.09
N ALA B 223 -24.55 -12.05 12.76
CA ALA B 223 -25.74 -12.12 11.94
C ALA B 223 -26.31 -13.54 11.98
N GLU B 224 -25.42 -14.54 11.99
CA GLU B 224 -25.84 -15.92 12.05
C GLU B 224 -26.49 -16.23 13.39
N PHE B 225 -25.93 -15.69 14.48
CA PHE B 225 -26.55 -15.84 15.77
C PHE B 225 -28.00 -15.35 15.76
N LEU B 226 -28.21 -14.12 15.25
CA LEU B 226 -29.52 -13.45 15.24
C LEU B 226 -30.55 -14.25 14.44
N ARG B 227 -30.10 -14.79 13.29
CA ARG B 227 -30.85 -15.75 12.47
C ARG B 227 -31.18 -17.00 13.28
N MET B 228 -30.21 -17.49 14.06
CA MET B 228 -30.29 -18.81 14.66
C MET B 228 -31.06 -18.78 15.97
N MET B 229 -31.04 -17.66 16.69
CA MET B 229 -31.70 -17.58 17.99
C MET B 229 -33.22 -17.65 17.80
N GLY B 230 -33.67 -17.30 16.59
CA GLY B 230 -35.01 -17.52 16.14
C GLY B 230 -35.91 -16.32 16.33
N SER B 231 -37.22 -16.58 16.40
CA SER B 231 -38.26 -15.56 16.50
C SER B 231 -38.19 -14.80 17.84
N GLU B 232 -37.77 -15.48 18.91
CA GLU B 232 -37.61 -14.86 20.23
C GLU B 232 -36.22 -14.21 20.33
N ARG B 233 -36.17 -12.89 20.22
CA ARG B 233 -34.93 -12.14 19.95
C ARG B 233 -34.55 -11.22 21.12
N ASP B 234 -35.33 -11.22 22.22
CA ASP B 234 -35.03 -10.37 23.42
C ASP B 234 -34.30 -11.19 24.49
N VAL B 235 -33.59 -12.24 24.05
CA VAL B 235 -32.81 -13.10 24.94
C VAL B 235 -31.37 -12.62 24.95
N PRO B 236 -30.75 -12.40 26.13
CA PRO B 236 -29.32 -12.15 26.23
C PRO B 236 -28.50 -13.07 25.31
N ALA B 237 -27.61 -12.49 24.53
CA ALA B 237 -26.85 -13.21 23.52
C ALA B 237 -26.03 -14.33 24.17
N LEU B 238 -25.29 -13.97 25.22
CA LEU B 238 -24.32 -14.84 25.86
C LEU B 238 -24.97 -16.20 26.19
N SER B 239 -26.09 -16.13 26.91
CA SER B 239 -26.78 -17.32 27.41
C SER B 239 -27.29 -18.16 26.23
N ARG B 240 -27.93 -17.47 25.29
CA ARG B 240 -28.58 -18.14 24.17
C ARG B 240 -27.52 -18.81 23.26
N LEU B 241 -26.40 -18.09 23.02
CA LEU B 241 -25.30 -18.66 22.18
C LEU B 241 -24.76 -19.94 22.84
N LEU B 242 -24.61 -19.95 24.17
CA LEU B 242 -24.00 -21.07 24.82
C LEU B 242 -24.91 -22.29 24.68
N GLU B 243 -26.23 -22.06 24.77
CA GLU B 243 -27.26 -23.10 24.56
C GLU B 243 -27.14 -23.68 23.14
N LEU B 244 -27.12 -22.79 22.14
CA LEU B 244 -26.98 -23.21 20.75
C LEU B 244 -25.74 -24.11 20.62
N LEU B 245 -24.61 -23.66 21.17
CA LEU B 245 -23.36 -24.37 20.96
C LEU B 245 -23.42 -25.74 21.64
N GLU B 246 -23.96 -25.74 22.87
CA GLU B 246 -24.06 -26.96 23.66
C GLU B 246 -24.91 -28.00 22.93
N GLU B 247 -25.98 -27.56 22.27
CA GLU B 247 -26.83 -28.45 21.44
C GLU B 247 -26.10 -28.98 20.17
N GLY B 248 -24.91 -28.44 19.84
CA GLY B 248 -24.12 -28.86 18.64
C GLY B 248 -24.38 -27.99 17.41
N GLN B 249 -25.15 -26.92 17.57
CA GLN B 249 -25.34 -25.95 16.49
C GLN B 249 -23.99 -25.25 16.19
N ARG B 250 -23.72 -25.00 14.91
CA ARG B 250 -22.46 -24.32 14.47
C ARG B 250 -22.81 -23.30 13.39
N LEU B 251 -21.89 -22.41 13.11
CA LEU B 251 -21.96 -21.60 11.90
C LEU B 251 -22.22 -22.51 10.70
N PRO B 252 -22.99 -22.06 9.68
CA PRO B 252 -23.33 -22.88 8.52
C PRO B 252 -22.11 -23.05 7.60
N ALA B 253 -22.14 -24.07 6.74
CA ALA B 253 -21.23 -24.18 5.63
C ALA B 253 -21.48 -23.03 4.66
N PRO B 254 -20.52 -22.12 4.41
CA PRO B 254 -20.75 -21.04 3.44
C PRO B 254 -20.97 -21.69 2.08
N PRO B 255 -22.07 -21.42 1.38
CA PRO B 255 -22.32 -22.07 0.10
C PRO B 255 -21.18 -21.96 -0.93
N ALA B 256 -20.29 -20.96 -0.85
CA ALA B 256 -19.21 -20.83 -1.87
C ALA B 256 -17.88 -21.35 -1.31
N CYS B 257 -17.87 -21.84 -0.07
CA CYS B 257 -16.65 -22.28 0.58
C CYS B 257 -16.34 -23.71 0.15
N PRO B 258 -15.09 -24.05 -0.25
CA PRO B 258 -14.72 -25.45 -0.51
C PRO B 258 -15.09 -26.37 0.66
N ALA B 259 -15.63 -27.54 0.34
CA ALA B 259 -16.15 -28.51 1.33
C ALA B 259 -15.05 -28.87 2.33
N GLU B 260 -13.82 -29.05 1.84
CA GLU B 260 -12.71 -29.50 2.63
C GLU B 260 -12.37 -28.45 3.70
N VAL B 261 -12.58 -27.17 3.40
CA VAL B 261 -12.27 -26.10 4.31
C VAL B 261 -13.33 -26.08 5.43
N HIS B 262 -14.58 -26.28 5.05
CA HIS B 262 -15.64 -26.32 6.02
C HIS B 262 -15.41 -27.47 7.02
N GLU B 263 -14.89 -28.59 6.50
CA GLU B 263 -14.58 -29.73 7.31
C GLU B 263 -13.59 -29.33 8.42
N LEU B 264 -12.58 -28.53 8.05
CA LEU B 264 -11.60 -28.10 9.02
C LEU B 264 -12.27 -27.22 10.08
N MET B 265 -13.17 -26.32 9.62
CA MET B 265 -13.92 -25.51 10.59
C MET B 265 -14.56 -26.42 11.65
N LYS B 266 -15.25 -27.47 11.19
CA LYS B 266 -16.06 -28.27 12.09
C LYS B 266 -15.16 -28.99 13.12
N LEU B 267 -13.95 -29.39 12.70
CA LEU B 267 -12.96 -30.05 13.56
C LEU B 267 -12.46 -29.05 14.61
N CYS B 268 -12.22 -27.82 14.17
CA CYS B 268 -11.77 -26.77 15.07
C CYS B 268 -12.84 -26.52 16.15
N TRP B 269 -14.12 -26.80 15.83
CA TRP B 269 -15.21 -26.46 16.76
C TRP B 269 -15.72 -27.71 17.47
N ALA B 270 -14.85 -28.71 17.61
CA ALA B 270 -15.15 -29.90 18.42
C ALA B 270 -15.50 -29.43 19.84
N PRO B 271 -16.58 -29.98 20.47
CA PRO B 271 -16.93 -29.61 21.84
C PRO B 271 -15.77 -29.83 22.83
N SER B 272 -15.03 -30.94 22.71
CA SER B 272 -13.94 -31.19 23.69
C SER B 272 -12.62 -30.60 23.18
N PRO B 273 -11.97 -29.73 23.96
CA PRO B 273 -10.73 -29.08 23.52
C PRO B 273 -9.70 -30.06 22.93
N GLN B 274 -9.54 -31.23 23.56
CA GLN B 274 -8.44 -32.16 23.24
CA GLN B 274 -8.41 -32.13 23.21
C GLN B 274 -8.74 -32.86 21.90
N ASP B 275 -10.01 -32.75 21.45
CA ASP B 275 -10.45 -33.32 20.20
C ASP B 275 -10.26 -32.35 19.02
N ARG B 276 -9.84 -31.11 19.29
CA ARG B 276 -9.60 -30.17 18.25
C ARG B 276 -8.22 -30.44 17.66
N PRO B 277 -8.02 -30.19 16.35
CA PRO B 277 -6.70 -30.36 15.74
C PRO B 277 -5.70 -29.32 16.26
N SER B 278 -4.40 -29.60 16.08
CA SER B 278 -3.33 -28.67 16.42
C SER B 278 -3.08 -27.76 15.21
N PHE B 279 -2.51 -26.58 15.45
CA PHE B 279 -2.13 -25.71 14.36
C PHE B 279 -1.06 -26.42 13.50
N SER B 280 -0.18 -27.23 14.13
CA SER B 280 0.87 -27.95 13.40
C SER B 280 0.26 -28.96 12.42
N ALA B 281 -0.88 -29.56 12.78
CA ALA B 281 -1.61 -30.46 11.89
C ALA B 281 -2.38 -29.66 10.83
N LEU B 282 -2.91 -28.47 11.20
CA LEU B 282 -3.77 -27.74 10.28
C LEU B 282 -2.92 -27.20 9.13
N GLY B 283 -1.73 -26.67 9.45
CA GLY B 283 -0.92 -25.91 8.46
C GLY B 283 -0.72 -26.69 7.16
N PRO B 284 -0.19 -27.93 7.25
CA PRO B 284 0.03 -28.76 6.07
C PRO B 284 -1.24 -29.08 5.26
N GLN B 285 -2.36 -29.32 5.94
CA GLN B 285 -3.69 -29.56 5.26
C GLN B 285 -4.15 -28.32 4.46
N LEU B 286 -3.95 -27.11 5.00
CA LEU B 286 -4.31 -25.90 4.29
C LEU B 286 -3.36 -25.72 3.11
N ASP B 287 -2.06 -25.92 3.36
CA ASP B 287 -1.02 -25.79 2.35
C ASP B 287 -1.31 -26.72 1.16
N MET B 288 -1.63 -27.97 1.50
CA MET B 288 -2.03 -29.00 0.55
C MET B 288 -3.26 -28.54 -0.25
N LEU B 289 -4.24 -27.90 0.39
CA LEU B 289 -5.41 -27.43 -0.36
C LEU B 289 -5.00 -26.26 -1.27
N TRP B 290 -4.10 -25.39 -0.80
CA TRP B 290 -3.51 -24.35 -1.63
C TRP B 290 -2.98 -24.95 -2.94
N SER B 291 -2.01 -25.88 -2.78
CA SER B 291 -1.36 -26.61 -3.90
C SER B 291 -2.42 -27.14 -4.87
N GLY B 292 -3.45 -27.77 -4.31
CA GLY B 292 -4.58 -28.34 -5.03
C GLY B 292 -5.18 -27.37 -6.03
N SER B 293 -5.23 -26.08 -5.69
CA SER B 293 -5.59 -25.04 -6.68
C SER B 293 -4.34 -24.35 -7.28
N ARG B 294 -3.25 -24.29 -6.50
CA ARG B 294 -1.89 -23.82 -6.93
C ARG B 294 -1.82 -22.28 -6.95
#